data_1SHM
#
_entry.id   1SHM
#
_cell.length_a   34.211
_cell.length_b   120.711
_cell.length_c   52.246
_cell.angle_alpha   90.00
_cell.angle_beta   103.32
_cell.angle_gamma   90.00
#
_symmetry.space_group_name_H-M   'P 1 21 1'
#
loop_
_entity.id
_entity.type
_entity.pdbx_description
1 polymer 'ANTIBODY RIG'
2 water water
#
_entity_poly.entity_id   1
_entity_poly.type   'polypeptide(L)'
_entity_poly.pdbx_seq_one_letter_code
;DVQLQESGGGLVQAGGSLRLSCAASGATGSTYDMGWFRQAPGKERESVAAINWGSAGTYYASSVRGRFTISRDNAKKTVY
LQMNSLKPEDTAVYTCGAGRIGRSVFNLRRESWVTWWGQGTQVTVSS
;
_entity_poly.pdbx_strand_id   A,B,D,E
#
# COMPACT_ATOMS: atom_id res chain seq x y z
N VAL A 2 -19.25 14.93 14.69
CA VAL A 2 -19.09 14.16 13.42
C VAL A 2 -17.65 13.68 13.23
N GLN A 3 -17.46 12.37 13.15
CA GLN A 3 -16.13 11.79 12.98
C GLN A 3 -16.09 11.04 11.66
N LEU A 4 -14.99 11.17 10.94
CA LEU A 4 -14.89 10.59 9.61
C LEU A 4 -13.68 9.66 9.54
N GLN A 5 -13.86 8.50 8.90
CA GLN A 5 -12.74 7.57 8.72
C GLN A 5 -12.74 6.97 7.31
N GLU A 6 -11.63 7.18 6.60
CA GLU A 6 -11.53 6.70 5.22
C GLU A 6 -11.00 5.28 5.22
N SER A 7 -11.32 4.56 4.17
CA SER A 7 -10.66 3.30 3.89
C SER A 7 -10.70 3.03 2.40
N GLY A 8 -9.98 2.00 1.98
CA GLY A 8 -10.05 1.55 0.61
C GLY A 8 -8.88 2.00 -0.22
N GLY A 9 -7.92 2.69 0.40
CA GLY A 9 -6.70 3.04 -0.31
C GLY A 9 -5.92 1.84 -0.78
N GLY A 10 -4.92 2.06 -1.62
CA GLY A 10 -4.12 0.97 -2.12
C GLY A 10 -3.05 1.35 -3.11
N LEU A 11 -2.42 0.32 -3.65
CA LEU A 11 -1.35 0.44 -4.60
C LEU A 11 -1.72 -0.39 -5.80
N VAL A 12 -1.92 0.27 -6.94
CA VAL A 12 -2.25 -0.41 -8.19
C VAL A 12 -1.43 0.18 -9.33
N GLN A 13 -1.43 -0.50 -10.48
CA GLN A 13 -0.81 0.01 -11.69
C GLN A 13 -1.75 0.95 -12.44
N ALA A 14 -1.17 1.78 -13.29
CA ALA A 14 -1.94 2.68 -14.13
C ALA A 14 -2.98 1.87 -14.93
N GLY A 15 -4.21 2.38 -15.01
CA GLY A 15 -5.29 1.71 -15.70
C GLY A 15 -6.21 0.96 -14.76
N GLY A 16 -5.75 0.75 -13.53
CA GLY A 16 -6.49 0.04 -12.51
C GLY A 16 -7.58 0.89 -11.86
N SER A 17 -8.29 0.26 -10.93
CA SER A 17 -9.39 0.86 -10.20
C SER A 17 -9.26 0.64 -8.70
N LEU A 18 -9.85 1.57 -7.94
CA LEU A 18 -10.02 1.48 -6.50
C LEU A 18 -11.40 2.04 -6.18
N ARG A 19 -11.87 1.80 -4.96
CA ARG A 19 -13.03 2.52 -4.45
C ARG A 19 -12.77 2.92 -3.02
N LEU A 20 -12.67 4.22 -2.77
CA LEU A 20 -12.52 4.71 -1.42
C LEU A 20 -13.87 4.80 -0.73
N SER A 21 -13.84 4.63 0.60
CA SER A 21 -14.98 4.72 1.51
C SER A 21 -14.69 5.76 2.57
N CYS A 22 -15.71 6.48 3.00
CA CYS A 22 -15.58 7.33 4.17
C CYS A 22 -16.78 7.16 5.05
N ALA A 23 -16.60 6.53 6.20
CA ALA A 23 -17.68 6.30 7.14
C ALA A 23 -17.81 7.44 8.16
N ALA A 24 -19.01 7.95 8.34
CA ALA A 24 -19.30 8.96 9.35
C ALA A 24 -19.77 8.30 10.64
N SER A 25 -19.38 8.88 11.77
CA SER A 25 -19.79 8.41 13.09
C SER A 25 -19.99 9.61 14.01
N GLY A 26 -20.45 9.39 15.23
CA GLY A 26 -20.88 10.47 16.09
C GLY A 26 -22.31 10.87 15.83
N ALA A 27 -22.53 12.17 15.56
CA ALA A 27 -23.87 12.70 15.34
C ALA A 27 -24.32 12.48 13.89
N THR A 28 -24.63 11.23 13.56
CA THR A 28 -24.93 10.83 12.19
C THR A 28 -26.42 11.00 11.85
N GLY A 29 -27.23 11.39 12.83
CA GLY A 29 -28.63 11.70 12.58
C GLY A 29 -28.77 12.90 11.67
N SER A 30 -27.95 13.91 11.90
CA SER A 30 -28.03 15.16 11.15
C SER A 30 -27.41 14.97 9.77
N THR A 31 -27.87 15.78 8.81
CA THR A 31 -27.43 15.65 7.43
C THR A 31 -26.34 16.66 7.07
N TYR A 32 -25.26 16.18 6.46
CA TYR A 32 -24.22 17.06 5.95
C TYR A 32 -23.78 16.61 4.59
N ASP A 33 -23.33 17.55 3.78
CA ASP A 33 -22.73 17.22 2.49
C ASP A 33 -21.32 16.69 2.73
N MET A 34 -20.82 15.87 1.83
CA MET A 34 -19.50 15.30 2.00
C MET A 34 -18.67 15.51 0.73
N GLY A 35 -17.36 15.62 0.89
CA GLY A 35 -16.49 15.75 -0.26
C GLY A 35 -15.22 14.95 -0.10
N TRP A 36 -14.61 14.65 -1.24
CA TRP A 36 -13.30 14.02 -1.29
C TRP A 36 -12.28 15.06 -1.79
N PHE A 37 -11.09 15.00 -1.20
CA PHE A 37 -9.99 15.91 -1.49
C PHE A 37 -8.75 15.07 -1.61
N ARG A 38 -7.72 15.64 -2.23
CA ARG A 38 -6.47 14.95 -2.35
C ARG A 38 -5.25 15.85 -2.29
N GLN A 39 -4.17 15.31 -1.74
CA GLN A 39 -2.96 16.12 -1.57
C GLN A 39 -1.74 15.27 -1.79
N ALA A 40 -1.00 15.63 -2.83
CA ALA A 40 0.29 15.05 -3.14
C ALA A 40 1.37 15.75 -2.32
N PRO A 41 2.37 15.01 -1.85
CA PRO A 41 3.45 15.63 -1.05
C PRO A 41 4.08 16.86 -1.71
N GLY A 42 4.05 17.96 -0.96
CA GLY A 42 4.60 19.23 -1.41
C GLY A 42 3.64 20.15 -2.11
N LYS A 43 2.42 19.68 -2.35
CA LYS A 43 1.43 20.44 -3.10
C LYS A 43 0.30 20.79 -2.17
N GLU A 44 -0.43 21.83 -2.55
CA GLU A 44 -1.68 22.20 -1.90
C GLU A 44 -2.78 21.15 -2.17
N ARG A 45 -3.62 20.92 -1.18
CA ARG A 45 -4.74 20.02 -1.33
C ARG A 45 -5.78 20.59 -2.28
N GLU A 46 -6.41 19.71 -3.05
CA GLU A 46 -7.41 20.14 -4.02
C GLU A 46 -8.67 19.30 -3.91
N SER A 47 -9.79 19.89 -4.25
CA SER A 47 -11.07 19.16 -4.32
C SER A 47 -11.02 18.17 -5.48
N VAL A 48 -11.66 17.03 -5.28
CA VAL A 48 -11.82 16.00 -6.28
C VAL A 48 -13.31 15.88 -6.68
N ALA A 49 -14.17 15.76 -5.67
CA ALA A 49 -15.60 15.52 -5.90
C ALA A 49 -16.38 15.86 -4.64
N ALA A 50 -17.64 16.24 -4.82
CA ALA A 50 -18.51 16.47 -3.68
C ALA A 50 -19.92 15.98 -3.97
N ILE A 51 -20.67 15.75 -2.90
CA ILE A 51 -22.03 15.25 -3.01
C ILE A 51 -22.96 15.82 -1.95
N ASN A 52 -24.15 16.21 -2.39
CA ASN A 52 -25.21 16.67 -1.52
C ASN A 52 -25.88 15.45 -0.92
N TRP A 53 -26.04 15.41 0.39
CA TRP A 53 -26.59 14.24 1.05
C TRP A 53 -28.07 13.93 0.72
N GLY A 54 -28.90 14.97 0.68
CA GLY A 54 -30.33 14.82 0.40
C GLY A 54 -30.64 14.38 -1.03
N SER A 55 -30.03 15.07 -1.99
CA SER A 55 -30.33 14.83 -3.42
C SER A 55 -29.41 13.82 -4.12
N ALA A 56 -28.27 13.54 -3.48
CA ALA A 56 -27.13 12.83 -4.08
C ALA A 56 -26.57 13.57 -5.29
N GLY A 57 -26.82 14.87 -5.33
CA GLY A 57 -26.30 15.73 -6.38
C GLY A 57 -24.79 15.77 -6.32
N THR A 58 -24.14 15.59 -7.46
CA THR A 58 -22.69 15.44 -7.53
C THR A 58 -22.01 16.65 -8.13
N TYR A 59 -20.74 16.81 -7.77
CA TYR A 59 -19.81 17.82 -8.29
C TYR A 59 -18.44 17.16 -8.52
N TYR A 60 -17.76 17.51 -9.61
CA TYR A 60 -16.50 16.86 -9.98
C TYR A 60 -15.47 17.89 -10.43
N ALA A 61 -14.23 17.72 -10.00
CA ALA A 61 -13.12 18.49 -10.55
C ALA A 61 -12.91 18.05 -11.98
N SER A 62 -12.41 18.95 -12.82
CA SER A 62 -12.17 18.67 -14.23
C SER A 62 -11.20 17.50 -14.44
N SER A 63 -10.21 17.38 -13.57
CA SER A 63 -9.16 16.37 -13.72
C SER A 63 -9.66 14.92 -13.60
N VAL A 64 -10.80 14.73 -12.94
CA VAL A 64 -11.34 13.40 -12.67
C VAL A 64 -12.69 13.12 -13.36
N ARG A 65 -13.22 14.07 -14.12
CA ARG A 65 -14.48 13.87 -14.86
C ARG A 65 -14.47 12.64 -15.81
N GLY A 66 -15.50 11.80 -15.74
CA GLY A 66 -15.60 10.62 -16.59
C GLY A 66 -14.81 9.41 -16.11
N ARG A 67 -14.04 9.59 -15.03
CA ARG A 67 -13.20 8.53 -14.49
C ARG A 67 -13.59 8.15 -13.05
N PHE A 68 -13.91 9.16 -12.24
CA PHE A 68 -14.26 8.96 -10.80
C PHE A 68 -15.75 9.20 -10.62
N THR A 69 -16.37 8.45 -9.70
CA THR A 69 -17.78 8.61 -9.37
C THR A 69 -17.95 8.70 -7.88
N ILE A 70 -18.63 9.75 -7.40
CA ILE A 70 -18.92 9.88 -5.97
C ILE A 70 -20.37 9.45 -5.75
N SER A 71 -20.61 8.77 -4.64
CA SER A 71 -21.92 8.23 -4.34
C SER A 71 -22.05 8.18 -2.84
N ARG A 72 -23.28 8.00 -2.37
CA ARG A 72 -23.54 7.91 -0.94
C ARG A 72 -24.67 6.95 -0.62
N ASP A 73 -24.52 6.27 0.50
CA ASP A 73 -25.52 5.35 1.04
C ASP A 73 -25.97 5.88 2.40
N ASN A 74 -27.22 6.29 2.51
CA ASN A 74 -27.74 6.81 3.78
C ASN A 74 -27.79 5.76 4.89
N ALA A 75 -28.15 4.52 4.56
CA ALA A 75 -28.22 3.47 5.58
C ALA A 75 -26.87 3.23 6.26
N LYS A 76 -25.80 3.25 5.46
CA LYS A 76 -24.45 2.99 5.95
C LYS A 76 -23.70 4.25 6.40
N LYS A 77 -24.31 5.42 6.18
CA LYS A 77 -23.72 6.72 6.50
C LYS A 77 -22.30 6.77 5.97
N THR A 78 -22.15 6.35 4.72
CA THR A 78 -20.87 6.27 4.04
C THR A 78 -20.92 6.93 2.65
N VAL A 79 -19.85 7.63 2.30
CA VAL A 79 -19.63 8.16 0.95
C VAL A 79 -18.49 7.41 0.29
N TYR A 80 -18.58 7.21 -1.02
CA TYR A 80 -17.68 6.39 -1.79
C TYR A 80 -17.10 7.20 -2.95
N LEU A 81 -15.85 6.92 -3.27
CA LEU A 81 -15.21 7.45 -4.46
C LEU A 81 -14.73 6.26 -5.29
N GLN A 82 -15.51 5.88 -6.31
CA GLN A 82 -15.04 4.89 -7.30
C GLN A 82 -14.03 5.57 -8.25
N MET A 83 -12.87 4.96 -8.42
CA MET A 83 -11.79 5.51 -9.24
C MET A 83 -11.41 4.51 -10.33
N ASN A 84 -11.70 4.85 -11.57
CA ASN A 84 -11.32 4.02 -12.70
C ASN A 84 -10.27 4.75 -13.53
N SER A 85 -9.61 3.99 -14.40
CA SER A 85 -8.57 4.48 -15.29
C SER A 85 -7.58 5.32 -14.49
N LEU A 86 -7.10 4.78 -13.38
CA LEU A 86 -6.17 5.52 -12.54
C LEU A 86 -4.88 5.82 -13.35
N LYS A 87 -4.29 6.96 -13.04
CA LYS A 87 -3.07 7.49 -13.67
C LYS A 87 -2.06 7.76 -12.57
N PRO A 88 -0.75 7.70 -12.86
CA PRO A 88 0.27 7.98 -11.84
C PRO A 88 0.04 9.28 -11.07
N GLU A 89 -0.40 10.31 -11.77
CA GLU A 89 -0.68 11.61 -11.19
C GLU A 89 -1.90 11.65 -10.26
N ASP A 90 -2.68 10.57 -10.21
CA ASP A 90 -3.74 10.43 -9.18
C ASP A 90 -3.18 10.04 -7.81
N THR A 91 -1.88 9.78 -7.73
CA THR A 91 -1.22 9.40 -6.48
C THR A 91 -1.28 10.57 -5.50
N ALA A 92 -1.77 10.29 -4.30
CA ALA A 92 -1.93 11.31 -3.26
C ALA A 92 -2.57 10.71 -2.05
N VAL A 93 -2.60 11.48 -0.96
CA VAL A 93 -3.45 11.17 0.19
C VAL A 93 -4.81 11.74 -0.12
N TYR A 94 -5.82 10.89 -0.02
CA TYR A 94 -7.22 11.26 -0.21
C TYR A 94 -7.93 11.39 1.14
N THR A 95 -8.52 12.56 1.37
CA THR A 95 -9.21 12.87 2.61
C THR A 95 -10.65 13.23 2.34
N CYS A 96 -11.49 12.81 3.27
CA CYS A 96 -12.90 13.10 3.24
C CYS A 96 -13.22 14.25 4.20
N GLY A 97 -14.23 15.04 3.84
CA GLY A 97 -14.68 16.12 4.67
C GLY A 97 -16.18 16.30 4.63
N ALA A 98 -16.73 16.83 5.72
CA ALA A 98 -18.16 17.09 5.79
C ALA A 98 -18.46 18.52 6.24
N GLY A 99 -19.52 19.10 5.70
CA GLY A 99 -19.97 20.43 6.06
C GLY A 99 -21.23 20.73 5.25
N ARG A 100 -21.38 21.97 4.82
CA ARG A 100 -22.50 22.35 3.96
C ARG A 100 -22.02 23.18 2.79
N ILE A 101 -22.32 22.70 1.58
CA ILE A 101 -21.82 23.33 0.36
C ILE A 101 -22.38 24.75 0.18
N ARG A 110 -12.70 25.43 -3.43
CA ARG A 110 -12.11 25.71 -2.12
C ARG A 110 -12.65 24.74 -1.07
N GLU A 111 -11.89 24.57 0.00
CA GLU A 111 -12.25 23.60 1.04
C GLU A 111 -12.74 24.28 2.33
N SER A 112 -13.02 25.58 2.26
CA SER A 112 -13.46 26.30 3.45
C SER A 112 -14.87 25.85 3.94
N TRP A 113 -15.67 25.25 3.05
CA TRP A 113 -17.01 24.75 3.44
C TRP A 113 -16.97 23.55 4.35
N VAL A 114 -15.81 22.90 4.41
CA VAL A 114 -15.62 21.73 5.25
C VAL A 114 -15.52 22.10 6.75
N THR A 115 -16.29 21.42 7.58
CA THR A 115 -16.28 21.62 9.02
C THR A 115 -15.52 20.52 9.78
N TRP A 116 -15.63 19.30 9.28
CA TRP A 116 -15.00 18.13 9.90
C TRP A 116 -14.23 17.37 8.85
N TRP A 117 -13.00 16.96 9.21
CA TRP A 117 -12.11 16.26 8.30
C TRP A 117 -11.81 14.85 8.81
N GLY A 118 -11.60 13.94 7.87
CA GLY A 118 -11.13 12.59 8.19
C GLY A 118 -9.62 12.56 8.40
N GLN A 119 -9.01 11.38 8.26
CA GLN A 119 -7.59 11.18 8.54
C GLN A 119 -6.71 11.08 7.31
N GLY A 120 -7.27 10.64 6.20
CA GLY A 120 -6.54 10.50 4.95
C GLY A 120 -6.24 9.03 4.73
N THR A 121 -6.28 8.61 3.47
CA THR A 121 -5.85 7.28 3.06
C THR A 121 -4.99 7.42 1.80
N GLN A 122 -3.92 6.63 1.75
CA GLN A 122 -2.98 6.71 0.66
C GLN A 122 -3.45 5.92 -0.56
N VAL A 123 -3.34 6.58 -1.71
CA VAL A 123 -3.54 5.98 -3.00
C VAL A 123 -2.27 6.14 -3.81
N THR A 124 -1.71 5.02 -4.26
CA THR A 124 -0.55 5.04 -5.12
C THR A 124 -0.81 4.28 -6.41
N VAL A 125 -0.49 4.93 -7.51
CA VAL A 125 -0.64 4.38 -8.83
C VAL A 125 0.74 4.41 -9.47
N SER A 126 1.33 3.25 -9.71
CA SER A 126 2.66 3.12 -10.33
C SER A 126 2.57 3.14 -11.86
N SER A 127 3.58 3.70 -12.52
CA SER A 127 3.59 3.78 -14.00
C SER A 127 3.59 2.41 -14.68
N VAL B 2 3.27 17.52 27.38
CA VAL B 2 3.44 16.52 26.27
C VAL B 2 4.91 16.07 26.23
N GLN B 3 5.11 14.76 26.14
CA GLN B 3 6.44 14.16 26.06
C GLN B 3 6.48 13.45 24.71
N LEU B 4 7.56 13.64 23.98
CA LEU B 4 7.71 13.02 22.67
C LEU B 4 8.94 12.11 22.68
N GLN B 5 8.81 10.91 22.15
CA GLN B 5 9.94 9.99 22.07
C GLN B 5 10.03 9.45 20.66
N GLU B 6 11.17 9.69 20.03
CA GLU B 6 11.44 9.20 18.68
C GLU B 6 12.11 7.85 18.77
N SER B 7 11.85 7.01 17.78
CA SER B 7 12.61 5.76 17.62
C SER B 7 12.70 5.39 16.14
N GLY B 8 13.56 4.43 15.83
CA GLY B 8 13.67 3.90 14.50
C GLY B 8 14.90 4.33 13.73
N GLY B 9 15.78 5.10 14.37
CA GLY B 9 17.01 5.53 13.73
C GLY B 9 17.99 4.40 13.52
N GLY B 10 19.02 4.67 12.74
CA GLY B 10 20.05 3.68 12.49
C GLY B 10 21.01 4.03 11.37
N LEU B 11 21.64 3.00 10.82
CA LEU B 11 22.71 3.12 9.83
C LEU B 11 22.38 2.21 8.66
N VAL B 12 22.24 2.81 7.47
CA VAL B 12 22.00 2.06 6.24
C VAL B 12 22.83 2.64 5.12
N GLN B 13 23.00 1.88 4.02
CA GLN B 13 23.74 2.34 2.85
C GLN B 13 22.80 3.16 1.96
N ALA B 14 23.33 4.11 1.20
CA ALA B 14 22.52 4.91 0.30
C ALA B 14 21.63 3.98 -0.54
N GLY B 15 20.38 4.39 -0.77
CA GLY B 15 19.42 3.56 -1.50
C GLY B 15 18.43 2.85 -0.57
N GLY B 16 18.83 2.60 0.68
CA GLY B 16 17.99 1.90 1.63
C GLY B 16 16.83 2.73 2.20
N SER B 17 16.07 2.12 3.10
CA SER B 17 14.94 2.76 3.76
C SER B 17 14.99 2.60 5.27
N LEU B 18 14.36 3.54 5.97
CA LEU B 18 14.08 3.45 7.40
C LEU B 18 12.67 3.93 7.65
N ARG B 19 12.18 3.75 8.87
CA ARG B 19 10.91 4.33 9.30
C ARG B 19 10.95 4.80 10.71
N LEU B 20 10.89 6.12 10.89
CA LEU B 20 10.93 6.76 12.20
C LEU B 20 9.54 6.86 12.81
N SER B 21 9.47 6.70 14.12
CA SER B 21 8.22 6.82 14.86
C SER B 21 8.40 7.88 15.92
N CYS B 22 7.35 8.62 16.20
CA CYS B 22 7.37 9.54 17.34
C CYS B 22 6.09 9.35 18.13
N ALA B 23 6.23 8.85 19.36
CA ALA B 23 5.09 8.56 20.22
C ALA B 23 4.90 9.65 21.26
N ALA B 24 3.68 10.17 21.34
CA ALA B 24 3.35 11.23 22.27
C ALA B 24 2.87 10.59 23.57
N SER B 25 3.23 11.23 24.69
CA SER B 25 2.89 10.78 26.03
C SER B 25 2.53 12.02 26.87
N GLY B 26 2.03 11.81 28.09
CA GLY B 26 1.68 12.90 28.95
C GLY B 26 0.24 13.30 28.76
N ALA B 27 0.02 14.56 28.39
CA ALA B 27 -1.33 15.11 28.28
C ALA B 27 -1.87 14.86 26.86
N THR B 28 -2.12 13.58 26.58
CA THR B 28 -2.49 13.09 25.25
C THR B 28 -4.00 13.20 24.97
N GLY B 29 -4.75 13.72 25.93
CA GLY B 29 -6.17 13.98 25.74
C GLY B 29 -6.48 15.19 24.86
N SER B 30 -5.46 15.99 24.53
CA SER B 30 -5.60 17.15 23.64
C SER B 30 -4.93 16.84 22.33
N THR B 31 -5.38 17.49 21.26
CA THR B 31 -4.91 17.23 19.89
C THR B 31 -3.94 18.33 19.41
N TYR B 32 -2.76 17.92 18.97
CA TYR B 32 -1.77 18.86 18.43
C TYR B 32 -1.23 18.40 17.10
N ASP B 33 -0.80 19.37 16.29
CA ASP B 33 -0.10 19.08 15.04
C ASP B 33 1.28 18.56 15.35
N MET B 34 1.83 17.72 14.46
CA MET B 34 3.12 17.11 14.68
C MET B 34 3.99 17.21 13.43
N GLY B 35 5.30 17.30 13.64
CA GLY B 35 6.22 17.49 12.54
C GLY B 35 7.56 16.86 12.82
N TRP B 36 8.29 16.63 11.73
CA TRP B 36 9.64 16.11 11.76
C TRP B 36 10.60 17.17 11.26
N PHE B 37 11.74 17.21 11.92
CA PHE B 37 12.81 18.17 11.67
C PHE B 37 14.12 17.41 11.62
N ARG B 38 15.12 17.96 10.98
CA ARG B 38 16.43 17.33 11.05
C ARG B 38 17.54 18.36 11.16
N GLN B 39 18.66 17.91 11.71
CA GLN B 39 19.77 18.80 11.97
C GLN B 39 21.08 18.01 11.88
N ALA B 40 21.95 18.42 10.97
CA ALA B 40 23.30 17.86 10.86
C ALA B 40 24.26 18.66 11.74
N PRO B 41 25.36 18.05 12.17
CA PRO B 41 26.32 18.74 13.04
C PRO B 41 26.84 20.02 12.39
N GLY B 42 26.85 21.12 13.13
CA GLY B 42 27.36 22.39 12.63
C GLY B 42 26.41 23.12 11.71
N LYS B 43 25.17 22.64 11.61
CA LYS B 43 24.19 23.29 10.74
C LYS B 43 22.88 23.46 11.47
N GLU B 44 22.09 24.40 10.98
CA GLU B 44 20.80 24.69 11.58
C GLU B 44 19.76 23.63 11.28
N ARG B 45 18.89 23.43 12.25
CA ARG B 45 17.80 22.49 12.15
C ARG B 45 16.83 22.98 11.08
N GLU B 46 16.30 22.05 10.30
CA GLU B 46 15.34 22.41 9.26
C GLU B 46 14.10 21.52 9.32
N SER B 47 12.98 22.05 8.82
CA SER B 47 11.72 21.30 8.76
C SER B 47 11.85 20.23 7.69
N VAL B 48 11.24 19.08 7.94
CA VAL B 48 11.20 17.96 6.98
C VAL B 48 9.78 17.78 6.44
N ALA B 49 8.85 17.60 7.36
CA ALA B 49 7.45 17.37 7.04
C ALA B 49 6.61 17.58 8.32
N ALA B 50 5.34 17.88 8.12
CA ALA B 50 4.40 18.04 9.21
C ALA B 50 2.99 17.66 8.77
N ILE B 51 2.15 17.44 9.76
CA ILE B 51 0.76 17.03 9.55
C ILE B 51 -0.12 17.86 10.48
N ASN B 52 -1.14 18.48 9.90
CA ASN B 52 -2.17 19.17 10.64
C ASN B 52 -3.12 18.11 11.20
N TRP B 53 -3.16 17.95 12.52
CA TRP B 53 -3.92 16.85 13.09
C TRP B 53 -5.43 16.97 12.86
N GLY B 54 -5.95 18.19 12.83
CA GLY B 54 -7.37 18.42 12.73
C GLY B 54 -7.86 18.37 11.28
N SER B 55 -7.03 18.84 10.36
CA SER B 55 -7.42 19.00 8.96
C SER B 55 -6.89 17.87 8.04
N ALA B 56 -5.96 17.07 8.56
CA ALA B 56 -5.17 16.07 7.82
C ALA B 56 -4.28 16.62 6.64
N GLY B 57 -4.05 17.93 6.64
CA GLY B 57 -3.22 18.57 5.64
C GLY B 57 -1.77 18.20 5.92
N THR B 58 -0.96 18.10 4.87
CA THR B 58 0.45 17.82 5.02
C THR B 58 1.32 18.97 4.54
N TYR B 59 2.58 18.93 4.99
CA TYR B 59 3.63 19.85 4.57
C TYR B 59 4.92 19.05 4.40
N TYR B 60 5.65 19.33 3.31
CA TYR B 60 6.90 18.64 2.99
C TYR B 60 7.97 19.62 2.54
N ALA B 61 9.19 19.47 3.07
CA ALA B 61 10.34 20.19 2.58
C ALA B 61 10.59 19.75 1.14
N SER B 62 10.91 20.70 0.27
CA SER B 62 11.12 20.43 -1.15
C SER B 62 12.04 19.25 -1.46
N SER B 63 13.10 19.11 -0.66
CA SER B 63 14.15 18.14 -0.96
C SER B 63 13.79 16.68 -0.59
N VAL B 64 12.77 16.50 0.25
CA VAL B 64 12.36 15.16 0.61
C VAL B 64 11.09 14.69 -0.07
N ARG B 65 10.40 15.57 -0.80
CA ARG B 65 9.20 15.18 -1.55
C ARG B 65 9.60 14.14 -2.57
N GLY B 66 8.79 13.10 -2.72
CA GLY B 66 9.10 12.01 -3.62
C GLY B 66 9.87 10.87 -2.97
N ARG B 67 10.35 11.05 -1.74
CA ARG B 67 11.11 10.00 -1.07
C ARG B 67 10.64 9.68 0.34
N PHE B 68 10.35 10.72 1.12
CA PHE B 68 9.82 10.59 2.46
C PHE B 68 8.30 10.75 2.48
N THR B 69 7.66 10.11 3.46
CA THR B 69 6.21 10.18 3.64
C THR B 69 5.90 10.31 5.11
N ILE B 70 5.16 11.35 5.48
CA ILE B 70 4.69 11.50 6.82
C ILE B 70 3.28 10.93 6.94
N SER B 71 3.05 10.22 8.02
CA SER B 71 1.73 9.69 8.30
C SER B 71 1.50 9.60 9.80
N ARG B 72 0.29 9.22 10.18
CA ARG B 72 -0.04 9.13 11.58
C ARG B 72 -1.02 8.03 11.87
N ASP B 73 -1.14 7.76 13.16
CA ASP B 73 -2.09 6.80 13.68
C ASP B 73 -2.72 7.47 14.89
N ASN B 74 -4.01 7.78 14.78
CA ASN B 74 -4.73 8.55 15.80
C ASN B 74 -4.84 7.80 17.12
N ALA B 75 -5.25 6.54 17.04
CA ALA B 75 -5.37 5.65 18.21
C ALA B 75 -4.05 5.43 18.96
N LYS B 76 -2.94 5.33 18.22
CA LYS B 76 -1.62 5.17 18.81
C LYS B 76 -1.00 6.49 19.24
N LYS B 77 -1.57 7.61 18.80
CA LYS B 77 -1.03 8.96 19.07
C LYS B 77 0.44 9.03 18.64
N THR B 78 0.67 8.58 17.41
CA THR B 78 2.01 8.42 16.89
C THR B 78 2.07 8.99 15.49
N VAL B 79 3.20 9.63 15.17
CA VAL B 79 3.51 10.12 13.84
C VAL B 79 4.75 9.36 13.30
N TYR B 80 4.73 9.04 12.01
CA TYR B 80 5.77 8.26 11.37
C TYR B 80 6.43 9.09 10.26
N LEU B 81 7.67 8.78 9.94
CA LEU B 81 8.35 9.27 8.75
C LEU B 81 8.99 8.07 8.04
N GLN B 82 8.36 7.67 6.94
CA GLN B 82 8.88 6.62 6.07
C GLN B 82 9.93 7.26 5.15
N MET B 83 11.14 6.73 5.18
CA MET B 83 12.26 7.30 4.43
C MET B 83 12.76 6.31 3.40
N ASN B 84 12.48 6.57 2.13
CA ASN B 84 12.93 5.72 1.02
C ASN B 84 14.02 6.42 0.25
N SER B 85 14.75 5.64 -0.54
CA SER B 85 15.83 6.15 -1.38
C SER B 85 16.78 7.05 -0.61
N LEU B 86 17.28 6.56 0.51
CA LEU B 86 18.13 7.40 1.38
C LEU B 86 19.46 7.78 0.71
N LYS B 87 19.86 9.02 0.96
CA LYS B 87 21.07 9.61 0.40
C LYS B 87 22.00 10.03 1.54
N PRO B 88 23.30 10.04 1.31
CA PRO B 88 24.26 10.46 2.35
C PRO B 88 23.88 11.77 3.03
N GLU B 89 23.39 12.73 2.25
CA GLU B 89 22.98 14.04 2.76
C GLU B 89 21.75 14.00 3.69
N ASP B 90 21.08 12.86 3.79
CA ASP B 90 20.01 12.68 4.77
C ASP B 90 20.51 12.36 6.18
N THR B 91 21.82 12.10 6.33
CA THR B 91 22.45 11.87 7.62
C THR B 91 22.23 13.08 8.53
N ALA B 92 21.69 12.82 9.69
CA ALA B 92 21.26 13.87 10.62
C ALA B 92 20.60 13.29 11.86
N VAL B 93 20.44 14.13 12.88
CA VAL B 93 19.49 13.83 13.95
C VAL B 93 18.10 14.31 13.53
N TYR B 94 17.12 13.39 13.60
CA TYR B 94 15.73 13.69 13.24
C TYR B 94 14.94 13.86 14.53
N THR B 95 14.26 14.98 14.66
CA THR B 95 13.50 15.24 15.88
C THR B 95 12.05 15.50 15.56
N CYS B 96 11.18 15.07 16.47
CA CYS B 96 9.76 15.28 16.37
C CYS B 96 9.36 16.46 17.24
N GLY B 97 8.44 17.27 16.73
CA GLY B 97 7.88 18.40 17.47
C GLY B 97 6.38 18.37 17.43
N ALA B 98 5.72 18.87 18.49
CA ALA B 98 4.28 19.02 18.52
C ALA B 98 3.93 20.44 18.93
N GLY B 99 2.85 20.98 18.38
CA GLY B 99 2.37 22.32 18.69
C GLY B 99 1.10 22.62 17.87
N ARG B 100 0.82 23.89 17.60
CA ARG B 100 -0.26 24.22 16.67
C ARG B 100 0.27 25.06 15.52
N ILE B 101 0.08 24.60 14.29
CA ILE B 101 0.59 25.28 13.10
C ILE B 101 -0.10 26.64 12.90
N GLU B 111 10.07 26.62 12.31
CA GLU B 111 10.16 26.09 13.69
C GLU B 111 9.38 26.60 14.89
N SER B 112 9.01 27.88 14.86
CA SER B 112 8.50 28.56 16.05
C SER B 112 7.15 28.00 16.51
N TRP B 113 6.41 27.34 15.62
CA TRP B 113 5.13 26.74 16.02
C TRP B 113 5.27 25.60 17.04
N VAL B 114 6.46 25.00 17.12
CA VAL B 114 6.64 23.83 17.96
C VAL B 114 6.66 24.23 19.45
N THR B 115 5.87 23.55 20.28
CA THR B 115 5.87 23.74 21.73
C THR B 115 6.71 22.69 22.47
N TRP B 116 6.55 21.42 22.09
CA TRP B 116 7.27 20.31 22.71
C TRP B 116 8.19 19.59 21.72
N TRP B 117 9.38 19.22 22.18
CA TRP B 117 10.38 18.57 21.35
C TRP B 117 10.76 17.22 21.92
N GLY B 118 10.99 16.25 21.04
CA GLY B 118 11.59 15.00 21.44
C GLY B 118 13.11 15.14 21.53
N GLN B 119 13.79 14.09 21.92
CA GLN B 119 15.25 14.15 22.10
C GLN B 119 16.01 13.96 20.77
N GLY B 120 15.35 13.31 19.84
CA GLY B 120 15.89 13.04 18.53
C GLY B 120 16.37 11.62 18.37
N THR B 121 16.63 11.25 17.11
CA THR B 121 17.26 9.97 16.78
C THR B 121 18.17 10.11 15.56
N GLN B 122 19.32 9.45 15.63
CA GLN B 122 20.33 9.60 14.59
C GLN B 122 20.03 8.66 13.44
N VAL B 123 20.14 9.23 12.25
CA VAL B 123 20.03 8.51 11.01
C VAL B 123 21.33 8.74 10.25
N THR B 124 22.03 7.65 9.94
CA THR B 124 23.24 7.76 9.15
C THR B 124 23.11 6.93 7.88
N VAL B 125 23.48 7.54 6.77
CA VAL B 125 23.42 6.92 5.46
C VAL B 125 24.84 6.96 4.88
N SER B 126 25.46 5.79 4.78
CA SER B 126 26.83 5.65 4.26
C SER B 126 26.89 5.56 2.73
N SER B 127 28.01 5.97 2.15
CA SER B 127 28.27 5.75 0.73
C SER B 127 28.22 4.26 0.38
N VAL C 2 -3.03 -18.92 -28.10
CA VAL C 2 -3.92 -18.08 -27.23
C VAL C 2 -3.18 -17.66 -25.96
N GLN C 3 -3.04 -16.35 -25.75
CA GLN C 3 -2.42 -15.83 -24.56
C GLN C 3 -3.39 -14.98 -23.74
N LEU C 4 -3.31 -15.12 -22.43
CA LEU C 4 -4.18 -14.39 -21.53
C LEU C 4 -3.33 -13.54 -20.60
N GLN C 5 -3.71 -12.29 -20.47
CA GLN C 5 -2.96 -11.34 -19.66
C GLN C 5 -3.86 -10.59 -18.68
N GLU C 6 -3.59 -10.81 -17.40
CA GLU C 6 -4.29 -10.19 -16.28
C GLU C 6 -3.75 -8.79 -16.01
N SER C 7 -4.61 -7.90 -15.50
CA SER C 7 -4.17 -6.63 -14.92
C SER C 7 -5.17 -6.18 -13.86
N GLY C 8 -4.83 -5.15 -13.09
CA GLY C 8 -5.73 -4.57 -12.11
C GLY C 8 -5.53 -5.04 -10.67
N GLY C 9 -4.59 -5.95 -10.46
CA GLY C 9 -4.23 -6.39 -9.14
C GLY C 9 -3.48 -5.38 -8.31
N GLY C 10 -3.14 -5.80 -7.09
CA GLY C 10 -2.31 -4.97 -6.22
C GLY C 10 -2.67 -5.13 -4.76
N LEU C 11 -2.40 -4.07 -4.00
CA LEU C 11 -2.57 -4.06 -2.57
C LEU C 11 -3.69 -3.09 -2.25
N VAL C 12 -4.64 -3.50 -1.42
CA VAL C 12 -5.78 -2.66 -1.12
C VAL C 12 -6.24 -2.86 0.33
N GLN C 13 -6.74 -1.79 0.95
CA GLN C 13 -7.25 -1.88 2.32
C GLN C 13 -8.61 -2.58 2.34
N ALA C 14 -8.88 -3.33 3.42
CA ALA C 14 -10.18 -3.97 3.62
C ALA C 14 -11.39 -3.03 3.42
N GLY C 15 -12.38 -3.49 2.66
CA GLY C 15 -13.57 -2.71 2.38
C GLY C 15 -13.46 -1.97 1.05
N GLY C 16 -12.25 -1.93 0.48
CA GLY C 16 -12.00 -1.33 -0.83
C GLY C 16 -12.43 -2.20 -2.00
N SER C 17 -12.14 -1.74 -3.22
CA SER C 17 -12.45 -2.48 -4.42
C SER C 17 -11.25 -2.53 -5.35
N LEU C 18 -11.33 -3.46 -6.30
CA LEU C 18 -10.37 -3.59 -7.38
C LEU C 18 -11.14 -3.98 -8.63
N ARG C 19 -10.54 -3.75 -9.79
CA ARG C 19 -11.10 -4.25 -11.03
C ARG C 19 -10.02 -4.98 -11.82
N LEU C 20 -10.17 -6.30 -11.90
CA LEU C 20 -9.25 -7.14 -12.66
C LEU C 20 -9.72 -7.17 -14.09
N SER C 21 -8.78 -7.19 -15.05
CA SER C 21 -9.04 -7.30 -16.48
C SER C 21 -8.25 -8.50 -16.99
N CYS C 22 -8.79 -9.22 -17.95
CA CYS C 22 -8.04 -10.25 -18.63
C CYS C 22 -8.29 -10.15 -20.13
N ALA C 23 -7.27 -9.78 -20.89
CA ALA C 23 -7.38 -9.63 -22.33
C ALA C 23 -6.86 -10.89 -23.01
N ALA C 24 -7.65 -11.43 -23.93
CA ALA C 24 -7.28 -12.64 -24.64
C ALA C 24 -6.79 -12.28 -26.05
N SER C 25 -5.66 -12.85 -26.44
CA SER C 25 -5.19 -12.80 -27.83
C SER C 25 -4.79 -14.19 -28.29
N SER C 30 -12.64 -17.41 -30.68
CA SER C 30 -13.64 -16.36 -30.87
C SER C 30 -14.87 -16.62 -30.01
N THR C 31 -15.16 -17.90 -29.76
CA THR C 31 -16.34 -18.27 -29.00
C THR C 31 -15.98 -18.95 -27.67
N TYR C 32 -14.75 -18.75 -27.20
CA TYR C 32 -14.30 -19.39 -25.97
C TYR C 32 -14.86 -18.71 -24.72
N ASP C 33 -15.32 -19.54 -23.78
CA ASP C 33 -15.76 -19.05 -22.47
C ASP C 33 -14.57 -18.57 -21.66
N MET C 34 -14.80 -17.59 -20.80
CA MET C 34 -13.74 -17.06 -19.95
C MET C 34 -14.17 -17.04 -18.50
N GLY C 35 -13.23 -17.29 -17.59
CA GLY C 35 -13.54 -17.25 -16.17
C GLY C 35 -12.37 -16.83 -15.28
N TRP C 36 -12.71 -16.45 -14.06
CA TRP C 36 -11.75 -16.11 -13.03
C TRP C 36 -11.68 -17.19 -11.96
N PHE C 37 -10.47 -17.40 -11.45
CA PHE C 37 -10.19 -18.40 -10.43
C PHE C 37 -9.29 -17.75 -9.40
N ARG C 38 -9.20 -18.33 -8.22
CA ARG C 38 -8.26 -17.80 -7.24
C ARG C 38 -7.64 -18.88 -6.39
N GLN C 39 -6.45 -18.60 -5.88
CA GLN C 39 -5.71 -19.59 -5.10
C GLN C 39 -4.83 -18.93 -4.06
N ALA C 40 -5.06 -19.26 -2.80
CA ALA C 40 -4.27 -18.77 -1.70
C ALA C 40 -3.24 -19.85 -1.38
N PRO C 41 -2.11 -19.47 -0.78
CA PRO C 41 -1.01 -20.41 -0.53
C PRO C 41 -1.47 -21.63 0.29
N GLY C 42 -1.10 -22.83 -0.16
CA GLY C 42 -1.44 -24.06 0.54
C GLY C 42 -2.84 -24.57 0.29
N LYS C 43 -3.69 -23.77 -0.37
CA LYS C 43 -5.06 -24.11 -0.69
C LYS C 43 -5.18 -24.48 -2.17
N GLU C 44 -6.20 -25.25 -2.51
CA GLU C 44 -6.49 -25.58 -3.90
C GLU C 44 -7.09 -24.37 -4.61
N ARG C 45 -6.87 -24.27 -5.92
CA ARG C 45 -7.49 -23.21 -6.71
C ARG C 45 -8.99 -23.40 -6.80
N GLU C 46 -9.74 -22.30 -6.70
CA GLU C 46 -11.20 -22.35 -6.78
C GLU C 46 -11.78 -21.44 -7.86
N SER C 47 -12.93 -21.83 -8.41
CA SER C 47 -13.71 -20.99 -9.33
C SER C 47 -14.25 -19.78 -8.57
N VAL C 48 -14.23 -18.63 -9.22
CA VAL C 48 -14.78 -17.39 -8.67
C VAL C 48 -16.00 -17.00 -9.46
N ALA C 49 -15.84 -16.88 -10.78
CA ALA C 49 -16.96 -16.57 -11.66
C ALA C 49 -16.60 -16.89 -13.11
N ALA C 50 -17.61 -17.00 -13.96
CA ALA C 50 -17.38 -17.28 -15.38
C ALA C 50 -18.51 -16.74 -16.23
N ILE C 51 -18.20 -16.54 -17.50
CA ILE C 51 -19.18 -16.12 -18.48
C ILE C 51 -19.14 -17.09 -19.66
N ASN C 52 -20.33 -17.54 -20.06
CA ASN C 52 -20.55 -18.30 -21.26
C ASN C 52 -20.65 -17.28 -22.39
N TRP C 53 -19.61 -17.23 -23.21
CA TRP C 53 -19.46 -16.22 -24.27
C TRP C 53 -20.62 -16.27 -25.27
N GLY C 54 -21.07 -17.47 -25.61
CA GLY C 54 -22.15 -17.66 -26.55
C GLY C 54 -23.54 -17.34 -26.02
N SER C 55 -23.83 -17.75 -24.78
CA SER C 55 -25.18 -17.64 -24.22
C SER C 55 -25.38 -16.41 -23.32
N ALA C 56 -24.28 -15.75 -22.96
CA ALA C 56 -24.24 -14.67 -21.99
C ALA C 56 -24.60 -15.10 -20.54
N GLY C 57 -24.68 -16.40 -20.28
CA GLY C 57 -24.95 -16.89 -18.94
C GLY C 57 -23.75 -16.68 -18.03
N THR C 58 -24.01 -16.51 -16.74
CA THR C 58 -22.97 -16.30 -15.75
C THR C 58 -22.96 -17.43 -14.73
N TYR C 59 -21.82 -17.55 -14.07
CA TYR C 59 -21.67 -18.42 -12.91
C TYR C 59 -20.86 -17.67 -11.86
N TYR C 60 -21.27 -17.81 -10.60
CA TYR C 60 -20.56 -17.20 -9.46
C TYR C 60 -20.45 -18.22 -8.33
N ALA C 61 -19.30 -18.26 -7.67
CA ALA C 61 -19.14 -19.05 -6.44
C ALA C 61 -19.93 -18.36 -5.34
N SER C 62 -20.50 -19.16 -4.43
CA SER C 62 -21.22 -18.63 -3.27
C SER C 62 -20.40 -17.62 -2.47
N SER C 63 -19.10 -17.83 -2.37
CA SER C 63 -18.26 -16.96 -1.53
C SER C 63 -18.13 -15.51 -2.04
N VAL C 64 -18.62 -15.23 -3.24
CA VAL C 64 -18.45 -13.88 -3.81
C VAL C 64 -19.71 -13.25 -4.42
N ARG C 65 -20.82 -13.98 -4.39
CA ARG C 65 -22.13 -13.51 -4.84
C ARG C 65 -22.53 -12.23 -4.08
N GLY C 66 -23.07 -11.25 -4.79
CA GLY C 66 -23.43 -10.01 -4.13
C GLY C 66 -22.26 -9.08 -3.82
N ARG C 67 -21.01 -9.50 -4.06
CA ARG C 67 -19.87 -8.60 -3.91
C ARG C 67 -19.03 -8.40 -5.17
N PHE C 68 -18.85 -9.44 -5.96
CA PHE C 68 -18.05 -9.35 -7.20
C PHE C 68 -19.00 -9.40 -8.39
N THR C 69 -18.59 -8.77 -9.49
CA THR C 69 -19.29 -8.84 -10.76
C THR C 69 -18.32 -9.20 -11.89
N ILE C 70 -18.67 -10.24 -12.64
CA ILE C 70 -17.97 -10.54 -13.87
C ILE C 70 -18.75 -9.90 -15.01
N SER C 71 -18.02 -9.30 -15.95
CA SER C 71 -18.63 -8.76 -17.14
C SER C 71 -17.64 -8.88 -18.28
N ARG C 72 -18.02 -8.44 -19.47
CA ARG C 72 -17.10 -8.51 -20.60
C ARG C 72 -17.30 -7.38 -21.59
N ASP C 73 -16.29 -7.21 -22.43
CA ASP C 73 -16.34 -6.32 -23.58
C ASP C 73 -16.02 -7.19 -24.80
N ASN C 74 -17.06 -7.56 -25.53
CA ASN C 74 -16.94 -8.48 -26.66
C ASN C 74 -15.98 -7.99 -27.74
N ALA C 75 -16.10 -6.71 -28.09
CA ALA C 75 -15.25 -6.09 -29.11
C ALA C 75 -13.78 -6.19 -28.74
N LYS C 76 -13.49 -6.10 -27.44
CA LYS C 76 -12.13 -6.08 -26.90
C LYS C 76 -11.59 -7.43 -26.45
N LYS C 77 -12.38 -8.50 -26.60
CA LYS C 77 -11.97 -9.86 -26.25
C LYS C 77 -11.47 -9.94 -24.79
N THR C 78 -12.14 -9.19 -23.92
CA THR C 78 -11.69 -8.94 -22.56
C THR C 78 -12.77 -9.31 -21.53
N VAL C 79 -12.37 -9.92 -20.42
CA VAL C 79 -13.26 -10.19 -19.28
C VAL C 79 -12.81 -9.35 -18.06
N TYR C 80 -13.77 -8.90 -17.26
CA TYR C 80 -13.52 -8.03 -16.10
C TYR C 80 -14.05 -8.69 -14.86
N LEU C 81 -13.39 -8.45 -13.73
CA LEU C 81 -13.93 -8.84 -12.44
C LEU C 81 -13.89 -7.63 -11.51
N GLN C 82 -15.05 -7.05 -11.25
CA GLN C 82 -15.17 -5.96 -10.29
C GLN C 82 -15.29 -6.58 -8.90
N MET C 83 -14.36 -6.25 -8.02
CA MET C 83 -14.31 -6.81 -6.69
C MET C 83 -14.57 -5.71 -5.69
N ASN C 84 -15.77 -5.69 -5.10
CA ASN C 84 -16.11 -4.76 -4.01
C ASN C 84 -16.16 -5.42 -2.65
N SER C 85 -16.19 -4.58 -1.61
CA SER C 85 -16.25 -4.99 -0.20
C SER C 85 -15.22 -6.06 0.14
N LEU C 86 -13.98 -5.80 -0.28
CA LEU C 86 -12.91 -6.80 -0.16
C LEU C 86 -12.53 -7.07 1.29
N LYS C 87 -12.13 -8.31 1.56
CA LYS C 87 -11.81 -8.79 2.89
C LYS C 87 -10.40 -9.40 2.88
N PRO C 88 -9.75 -9.42 4.03
CA PRO C 88 -8.44 -10.06 4.15
C PRO C 88 -8.42 -11.45 3.52
N GLU C 89 -9.48 -12.21 3.72
CA GLU C 89 -9.54 -13.59 3.21
C GLU C 89 -9.73 -13.70 1.69
N ASP C 90 -10.00 -12.57 1.03
CA ASP C 90 -9.98 -12.49 -0.45
C ASP C 90 -8.58 -12.50 -1.05
N THR C 91 -7.55 -12.32 -0.20
CA THR C 91 -6.15 -12.36 -0.60
C THR C 91 -5.81 -13.68 -1.25
N ALA C 92 -5.17 -13.62 -2.43
CA ALA C 92 -4.92 -14.79 -3.26
C ALA C 92 -4.33 -14.36 -4.63
N VAL C 93 -3.79 -15.31 -5.38
CA VAL C 93 -3.52 -15.10 -6.81
C VAL C 93 -4.80 -15.41 -7.60
N TYR C 94 -5.22 -14.43 -8.42
CA TYR C 94 -6.44 -14.50 -9.22
C TYR C 94 -5.96 -14.75 -10.63
N THR C 95 -6.45 -15.82 -11.24
CA THR C 95 -6.03 -16.21 -12.57
C THR C 95 -7.23 -16.29 -13.49
N CYS C 96 -7.04 -15.80 -14.71
CA CYS C 96 -8.03 -15.89 -15.76
C CYS C 96 -7.83 -17.19 -16.56
N GLY C 97 -8.91 -17.85 -16.95
CA GLY C 97 -8.85 -19.03 -17.81
C GLY C 97 -9.86 -18.98 -18.95
N ALA C 98 -9.55 -19.65 -20.04
CA ALA C 98 -10.45 -19.72 -21.18
C ALA C 98 -10.54 -21.13 -21.70
N GLY C 99 -11.68 -21.47 -22.27
CA GLY C 99 -11.91 -22.81 -22.77
C GLY C 99 -13.37 -22.94 -23.15
N ARG C 100 -13.93 -24.15 -23.06
CA ARG C 100 -15.33 -24.35 -23.40
C ARG C 100 -16.08 -25.05 -22.28
N ILE C 101 -16.93 -24.30 -21.58
CA ILE C 101 -17.72 -24.85 -20.47
C ILE C 101 -18.62 -25.97 -20.97
N GLU C 111 -12.22 -26.99 -12.68
CA GLU C 111 -11.51 -26.13 -13.61
C GLU C 111 -11.02 -26.88 -14.85
N SER C 112 -11.48 -28.12 -15.02
CA SER C 112 -11.02 -28.97 -16.11
C SER C 112 -11.42 -28.42 -17.48
N TRP C 113 -12.43 -27.57 -17.53
CA TRP C 113 -12.88 -26.98 -18.80
C TRP C 113 -11.91 -25.96 -19.40
N VAL C 114 -11.04 -25.42 -18.56
CA VAL C 114 -10.06 -24.41 -19.00
C VAL C 114 -9.02 -25.07 -19.89
N THR C 115 -8.72 -24.44 -21.01
CA THR C 115 -7.67 -24.90 -21.93
C THR C 115 -6.42 -24.03 -21.84
N TRP C 116 -6.59 -22.71 -21.67
CA TRP C 116 -5.48 -21.76 -21.58
C TRP C 116 -5.57 -20.96 -20.29
N TRP C 117 -4.45 -20.80 -19.60
CA TRP C 117 -4.38 -20.05 -18.37
C TRP C 117 -3.49 -18.82 -18.51
N GLY C 118 -3.90 -17.72 -17.86
CA GLY C 118 -3.05 -16.56 -17.69
C GLY C 118 -2.01 -16.80 -16.62
N GLN C 119 -1.14 -15.82 -16.41
CA GLN C 119 -0.06 -16.01 -15.42
C GLN C 119 -0.52 -15.76 -13.98
N GLY C 120 -1.68 -15.14 -13.82
CA GLY C 120 -2.20 -14.79 -12.52
C GLY C 120 -1.76 -13.41 -12.06
N THR C 121 -2.47 -12.90 -11.06
CA THR C 121 -2.07 -11.66 -10.43
C THR C 121 -2.45 -11.65 -8.97
N GLN C 122 -1.50 -11.29 -8.13
CA GLN C 122 -1.75 -11.18 -6.69
C GLN C 122 -2.72 -10.06 -6.34
N VAL C 123 -3.67 -10.39 -5.46
CA VAL C 123 -4.51 -9.41 -4.79
C VAL C 123 -4.28 -9.55 -3.28
N THR C 124 -3.80 -8.48 -2.64
CA THR C 124 -3.57 -8.50 -1.23
C THR C 124 -4.50 -7.49 -0.56
N VAL C 125 -5.23 -7.95 0.45
CA VAL C 125 -6.19 -7.12 1.17
C VAL C 125 -5.76 -7.02 2.64
N SER C 126 -5.33 -5.84 3.08
CA SER C 126 -4.85 -5.63 4.46
C SER C 126 -5.96 -5.18 5.40
N SER C 127 -5.84 -5.53 6.67
CA SER C 127 -6.86 -5.18 7.68
C SER C 127 -6.97 -3.66 7.90
N VAL D 2 23.42 -17.01 -13.42
CA VAL D 2 22.55 -16.26 -12.44
C VAL D 2 23.36 -15.51 -11.38
N GLN D 3 23.04 -14.24 -11.18
CA GLN D 3 23.65 -13.42 -10.15
C GLN D 3 22.56 -12.76 -9.30
N LEU D 4 22.71 -12.84 -7.99
CA LEU D 4 21.79 -12.21 -7.06
C LEU D 4 22.62 -11.36 -6.09
N GLN D 5 22.20 -10.11 -5.88
CA GLN D 5 22.90 -9.24 -4.94
C GLN D 5 21.91 -8.48 -4.07
N GLU D 6 22.12 -8.63 -2.76
CA GLU D 6 21.30 -8.04 -1.73
C GLU D 6 21.86 -6.69 -1.31
N SER D 7 20.96 -5.83 -0.83
CA SER D 7 21.35 -4.57 -0.21
C SER D 7 20.21 -4.10 0.69
N GLY D 8 20.43 -3.00 1.39
CA GLY D 8 19.40 -2.43 2.25
C GLY D 8 19.46 -2.82 3.71
N GLY D 9 20.43 -3.65 4.09
CA GLY D 9 20.59 -4.04 5.47
C GLY D 9 21.24 -2.92 6.26
N GLY D 10 21.43 -3.18 7.54
CA GLY D 10 22.08 -2.24 8.43
C GLY D 10 21.70 -2.44 9.88
N LEU D 11 21.98 -1.43 10.69
CA LEU D 11 21.74 -1.47 12.11
C LEU D 11 20.58 -0.54 12.35
N VAL D 12 19.56 -1.02 13.04
CA VAL D 12 18.33 -0.26 13.20
C VAL D 12 17.76 -0.48 14.58
N GLN D 13 17.14 0.55 15.12
CA GLN D 13 16.51 0.44 16.44
C GLN D 13 15.21 -0.36 16.33
N ALA D 14 14.91 -1.15 17.37
CA ALA D 14 13.65 -1.87 17.48
C ALA D 14 12.48 -0.91 17.33
N GLY D 15 11.44 -1.35 16.63
CA GLY D 15 10.30 -0.52 16.27
C GLY D 15 10.42 0.02 14.86
N GLY D 16 11.66 0.12 14.39
CA GLY D 16 11.94 0.67 13.07
C GLY D 16 11.68 -0.30 11.95
N SER D 17 11.92 0.18 10.73
CA SER D 17 11.79 -0.62 9.52
C SER D 17 13.06 -0.60 8.69
N LEU D 18 13.14 -1.55 7.77
CA LEU D 18 14.15 -1.57 6.71
C LEU D 18 13.46 -2.03 5.45
N ARG D 19 14.09 -1.80 4.31
CA ARG D 19 13.68 -2.46 3.07
C ARG D 19 14.91 -3.08 2.43
N LEU D 20 14.94 -4.41 2.40
CA LEU D 20 15.98 -5.13 1.68
C LEU D 20 15.64 -5.21 0.19
N SER D 21 16.69 -5.26 -0.62
CA SER D 21 16.59 -5.36 -2.07
C SER D 21 17.46 -6.49 -2.53
N CYS D 22 16.96 -7.26 -3.49
CA CYS D 22 17.71 -8.33 -4.12
C CYS D 22 17.61 -8.13 -5.63
N ALA D 23 18.68 -7.66 -6.28
CA ALA D 23 18.67 -7.45 -7.72
C ALA D 23 19.10 -8.75 -8.40
N ALA D 24 18.37 -9.15 -9.42
CA ALA D 24 18.61 -10.42 -10.11
C ALA D 24 18.97 -10.24 -11.58
N SER D 25 19.93 -11.04 -12.04
CA SER D 25 20.16 -11.24 -13.45
C SER D 25 20.01 -12.75 -13.69
N GLY D 26 19.19 -13.12 -14.67
CA GLY D 26 18.85 -14.53 -14.90
C GLY D 26 17.86 -15.04 -13.85
N ALA D 27 17.08 -16.04 -14.22
CA ALA D 27 16.03 -16.56 -13.35
C ALA D 27 15.02 -15.47 -12.95
N THR D 28 14.71 -14.57 -13.88
CA THR D 28 13.71 -13.52 -13.67
C THR D 28 12.47 -13.74 -14.55
N GLY D 29 12.45 -14.86 -15.27
CA GLY D 29 11.33 -15.19 -16.13
C GLY D 29 10.09 -15.43 -15.29
N SER D 30 8.92 -15.41 -15.93
CA SER D 30 7.64 -15.47 -15.19
C SER D 30 7.45 -16.70 -14.30
N THR D 31 8.02 -17.84 -14.68
CA THR D 31 7.82 -19.06 -13.90
C THR D 31 8.80 -19.22 -12.73
N TYR D 32 9.74 -18.30 -12.55
CA TYR D 32 10.70 -18.42 -11.46
C TYR D 32 10.18 -17.75 -10.21
N ASP D 33 10.65 -18.22 -9.06
CA ASP D 33 10.36 -17.64 -7.77
C ASP D 33 11.63 -17.10 -7.11
N MET D 34 11.45 -16.12 -6.23
CA MET D 34 12.52 -15.55 -5.44
C MET D 34 12.10 -15.59 -3.97
N GLY D 35 13.01 -16.03 -3.11
CA GLY D 35 12.78 -16.14 -1.67
C GLY D 35 13.77 -15.33 -0.85
N TRP D 36 13.30 -14.83 0.28
CA TRP D 36 14.16 -14.25 1.31
C TRP D 36 14.25 -15.29 2.44
N PHE D 37 15.48 -15.45 2.94
CA PHE D 37 15.77 -16.38 4.03
C PHE D 37 16.60 -15.62 5.06
N ARG D 38 16.67 -16.15 6.26
CA ARG D 38 17.40 -15.52 7.32
C ARG D 38 18.04 -16.54 8.25
N GLN D 39 19.27 -16.23 8.67
CA GLN D 39 20.03 -17.10 9.57
C GLN D 39 20.83 -16.30 10.60
N ALA D 40 20.53 -16.56 11.88
CA ALA D 40 21.26 -15.99 13.00
C ALA D 40 22.40 -16.94 13.38
N PRO D 41 23.51 -16.38 13.87
CA PRO D 41 24.67 -17.21 14.25
C PRO D 41 24.30 -18.35 15.21
N GLY D 42 24.70 -19.57 14.86
CA GLY D 42 24.46 -20.74 15.69
C GLY D 42 23.13 -21.44 15.48
N LYS D 43 22.29 -20.90 14.59
CA LYS D 43 21.00 -21.46 14.24
C LYS D 43 20.96 -21.85 12.75
N GLU D 44 19.99 -22.69 12.43
CA GLU D 44 19.69 -23.05 11.05
C GLU D 44 18.95 -21.93 10.32
N ARG D 45 19.24 -21.81 9.02
CA ARG D 45 18.58 -20.84 8.15
C ARG D 45 17.09 -21.17 8.05
N GLU D 46 16.23 -20.15 8.09
CA GLU D 46 14.81 -20.32 7.93
C GLU D 46 14.26 -19.49 6.79
N SER D 47 13.19 -19.96 6.19
CA SER D 47 12.46 -19.18 5.18
C SER D 47 11.77 -17.99 5.84
N VAL D 48 11.60 -16.91 5.07
CA VAL D 48 10.90 -15.70 5.55
C VAL D 48 9.71 -15.40 4.64
N ALA D 49 9.99 -15.24 3.35
CA ALA D 49 8.97 -14.95 2.37
C ALA D 49 9.43 -15.37 0.98
N ALA D 50 8.49 -15.47 0.05
CA ALA D 50 8.85 -15.76 -1.35
C ALA D 50 7.80 -15.16 -2.29
N ILE D 51 8.20 -15.01 -3.55
CA ILE D 51 7.37 -14.38 -4.57
C ILE D 51 7.64 -14.92 -5.99
N ASN D 52 6.57 -15.05 -6.78
CA ASN D 52 6.65 -15.44 -8.19
C ASN D 52 6.79 -14.19 -9.05
N TRP D 53 7.75 -14.19 -9.97
CA TRP D 53 7.96 -13.03 -10.87
C TRP D 53 6.74 -12.69 -11.72
N GLY D 54 6.08 -13.73 -12.25
CA GLY D 54 4.97 -13.54 -13.17
C GLY D 54 3.71 -12.97 -12.53
N SER D 55 3.25 -13.61 -11.47
CA SER D 55 1.99 -13.27 -10.83
C SER D 55 2.16 -12.27 -9.69
N ALA D 56 3.37 -12.14 -9.18
CA ALA D 56 3.65 -11.43 -7.92
C ALA D 56 2.99 -12.11 -6.72
N GLY D 57 2.63 -13.39 -6.87
CA GLY D 57 2.03 -14.16 -5.79
C GLY D 57 2.98 -14.37 -4.64
N THR D 58 2.52 -14.14 -3.42
CA THR D 58 3.39 -14.18 -2.24
C THR D 58 3.16 -15.41 -1.36
N TYR D 59 4.21 -15.74 -0.61
CA TYR D 59 4.21 -16.77 0.44
C TYR D 59 4.97 -16.19 1.63
N TYR D 60 4.50 -16.49 2.83
CA TYR D 60 5.16 -16.02 4.05
C TYR D 60 5.36 -17.18 5.02
N ALA D 61 6.33 -17.01 5.90
CA ALA D 61 6.44 -17.82 7.10
C ALA D 61 5.58 -17.13 8.15
N SER D 62 5.03 -17.93 9.06
CA SER D 62 4.15 -17.41 10.10
C SER D 62 4.81 -16.39 11.04
N SER D 63 6.12 -16.51 11.24
CA SER D 63 6.84 -15.61 12.17
C SER D 63 6.88 -14.15 11.73
N VAL D 64 6.60 -13.87 10.44
CA VAL D 64 6.67 -12.50 9.91
C VAL D 64 5.35 -12.00 9.30
N ARG D 65 4.27 -12.75 9.50
CA ARG D 65 3.00 -12.41 8.87
C ARG D 65 2.42 -11.12 9.47
N GLY D 66 2.08 -10.18 8.60
CA GLY D 66 1.56 -8.90 9.02
C GLY D 66 2.63 -7.87 9.37
N ARG D 67 3.90 -8.29 9.44
CA ARG D 67 4.97 -7.34 9.72
C ARG D 67 5.86 -7.12 8.49
N PHE D 68 6.09 -8.17 7.70
CA PHE D 68 6.95 -8.05 6.52
C PHE D 68 6.10 -8.20 5.27
N THR D 69 6.51 -7.48 4.22
CA THR D 69 5.89 -7.57 2.91
C THR D 69 6.96 -7.83 1.86
N ILE D 70 6.74 -8.85 1.04
CA ILE D 70 7.61 -9.10 -0.08
C ILE D 70 6.93 -8.58 -1.34
N SER D 71 7.74 -8.03 -2.23
CA SER D 71 7.23 -7.48 -3.49
C SER D 71 8.30 -7.57 -4.55
N ARG D 72 7.91 -7.33 -5.79
CA ARG D 72 8.84 -7.41 -6.90
C ARG D 72 8.49 -6.40 -8.00
N ASP D 73 9.53 -5.96 -8.72
CA ASP D 73 9.40 -5.02 -9.81
C ASP D 73 10.09 -5.64 -11.04
N ASN D 74 9.28 -5.99 -12.04
CA ASN D 74 9.78 -6.66 -13.25
C ASN D 74 10.74 -5.85 -14.07
N ALA D 75 10.45 -4.57 -14.23
CA ALA D 75 11.29 -3.67 -15.01
C ALA D 75 12.67 -3.45 -14.32
N LYS D 76 12.70 -3.39 -13.00
CA LYS D 76 13.95 -3.28 -12.24
C LYS D 76 14.64 -4.62 -12.00
N LYS D 77 13.94 -5.71 -12.25
CA LYS D 77 14.41 -7.07 -11.94
C LYS D 77 14.91 -7.16 -10.50
N THR D 78 14.09 -6.64 -9.59
CA THR D 78 14.41 -6.56 -8.18
C THR D 78 13.24 -6.99 -7.30
N VAL D 79 13.58 -7.66 -6.22
CA VAL D 79 12.63 -8.17 -5.23
C VAL D 79 12.96 -7.43 -3.93
N TYR D 80 11.93 -7.08 -3.15
CA TYR D 80 12.08 -6.29 -1.92
C TYR D 80 11.47 -6.98 -0.73
N LEU D 81 12.06 -6.74 0.42
CA LEU D 81 11.48 -7.19 1.67
C LEU D 81 11.31 -5.96 2.53
N GLN D 82 10.10 -5.43 2.60
CA GLN D 82 9.78 -4.40 3.59
C GLN D 82 9.61 -5.03 4.95
N MET D 83 10.42 -4.59 5.90
CA MET D 83 10.45 -5.15 7.24
C MET D 83 10.00 -4.11 8.27
N ASN D 84 8.78 -4.23 8.75
CA ASN D 84 8.28 -3.31 9.76
C ASN D 84 8.30 -3.88 11.17
N SER D 85 8.23 -2.99 12.15
CA SER D 85 8.10 -3.34 13.55
C SER D 85 9.17 -4.34 13.94
N LEU D 86 10.43 -4.00 13.62
CA LEU D 86 11.55 -4.90 13.83
C LEU D 86 11.80 -5.13 15.31
N LYS D 87 12.22 -6.35 15.64
CA LYS D 87 12.49 -6.75 17.01
C LYS D 87 13.91 -7.31 17.07
N PRO D 88 14.55 -7.27 18.23
CA PRO D 88 15.91 -7.82 18.38
C PRO D 88 16.09 -9.22 17.76
N GLU D 89 15.08 -10.08 17.88
CA GLU D 89 15.14 -11.46 17.37
C GLU D 89 15.10 -11.54 15.83
N ASP D 90 14.76 -10.44 15.17
CA ASP D 90 14.94 -10.34 13.72
C ASP D 90 16.40 -10.21 13.24
N THR D 91 17.35 -10.06 14.17
CA THR D 91 18.76 -9.92 13.85
C THR D 91 19.23 -11.20 13.17
N ALA D 92 19.88 -11.07 12.02
CA ALA D 92 20.32 -12.21 11.22
C ALA D 92 20.94 -11.74 9.91
N VAL D 93 21.62 -12.64 9.22
CA VAL D 93 21.99 -12.41 7.82
C VAL D 93 20.78 -12.80 6.98
N TYR D 94 20.38 -11.91 6.08
CA TYR D 94 19.25 -12.14 5.18
C TYR D 94 19.80 -12.42 3.80
N THR D 95 19.39 -13.54 3.20
CA THR D 95 19.89 -13.93 1.89
C THR D 95 18.71 -14.17 0.95
N CYS D 96 18.85 -13.80 -0.31
CA CYS D 96 17.82 -14.15 -1.26
C CYS D 96 18.27 -15.32 -2.11
N GLY D 97 17.31 -16.10 -2.58
CA GLY D 97 17.62 -17.25 -3.43
C GLY D 97 16.57 -17.40 -4.50
N ALA D 98 16.94 -17.98 -5.63
CA ALA D 98 16.00 -18.13 -6.74
C ALA D 98 15.89 -19.60 -7.14
N GLY D 99 14.74 -19.96 -7.68
CA GLY D 99 14.47 -21.30 -8.16
C GLY D 99 12.98 -21.39 -8.45
N ARG D 100 12.38 -22.56 -8.26
CA ARG D 100 10.94 -22.78 -8.43
C ARG D 100 10.36 -23.56 -7.25
N ILE D 101 9.39 -22.99 -6.56
CA ILE D 101 8.75 -23.67 -5.43
C ILE D 101 7.75 -24.68 -5.99
N ARG D 110 11.20 -24.89 4.10
CA ARG D 110 12.39 -25.51 3.52
C ARG D 110 13.07 -24.61 2.48
N GLU D 111 14.36 -24.85 2.24
CA GLU D 111 15.13 -24.11 1.23
C GLU D 111 15.59 -24.98 0.05
N SER D 112 15.08 -26.22 0.00
CA SER D 112 15.43 -27.21 -1.03
C SER D 112 15.20 -26.74 -2.47
N TRP D 113 14.16 -25.92 -2.65
CA TRP D 113 13.78 -25.41 -3.97
C TRP D 113 14.73 -24.35 -4.54
N VAL D 114 15.56 -23.76 -3.69
CA VAL D 114 16.47 -22.74 -4.16
C VAL D 114 17.61 -23.38 -4.99
N THR D 115 17.84 -22.81 -6.17
CA THR D 115 18.93 -23.22 -7.04
C THR D 115 20.14 -22.28 -7.02
N TRP D 116 19.91 -20.99 -6.85
CA TRP D 116 21.01 -20.00 -6.78
C TRP D 116 20.85 -19.13 -5.56
N TRP D 117 21.96 -18.83 -4.88
CA TRP D 117 21.91 -18.04 -3.65
C TRP D 117 22.67 -16.73 -3.81
N GLY D 118 22.17 -15.68 -3.15
CA GLY D 118 22.88 -14.42 -3.09
C GLY D 118 24.03 -14.49 -2.09
N GLN D 119 24.49 -13.34 -1.63
CA GLN D 119 25.68 -13.28 -0.75
C GLN D 119 25.32 -12.99 0.70
N GLY D 120 24.20 -12.32 0.92
CA GLY D 120 23.71 -11.99 2.24
C GLY D 120 23.84 -10.52 2.57
N THR D 121 22.92 -10.02 3.40
CA THR D 121 22.99 -8.68 3.97
C THR D 121 22.65 -8.74 5.47
N GLN D 122 23.49 -8.12 6.30
CA GLN D 122 23.33 -8.17 7.75
C GLN D 122 22.23 -7.23 8.24
N VAL D 123 21.32 -7.74 9.04
CA VAL D 123 20.33 -6.91 9.72
C VAL D 123 20.53 -7.07 11.22
N THR D 124 20.80 -5.96 11.88
CA THR D 124 21.04 -5.94 13.32
C THR D 124 20.04 -4.96 13.93
N VAL D 125 19.18 -5.50 14.80
CA VAL D 125 18.20 -4.72 15.51
C VAL D 125 18.67 -4.48 16.94
N SER D 126 18.90 -3.21 17.28
CA SER D 126 19.41 -2.80 18.58
C SER D 126 18.30 -2.36 19.53
N SER D 127 18.66 -2.20 20.80
CA SER D 127 17.71 -1.74 21.84
C SER D 127 17.87 -0.25 22.10
#